data_8B2N
#
_entry.id   8B2N
#
_cell.length_a   54.410
_cell.length_b   63.000
_cell.length_c   135.370
_cell.angle_alpha   90.00
_cell.angle_beta   90.00
_cell.angle_gamma   90.00
#
_symmetry.space_group_name_H-M   'P 21 21 21'
#
loop_
_entity.id
_entity.type
_entity.pdbx_description
1 polymer 'Macrophage metalloelastase'
2 polymer 'Tannerella forsythia potempin A (PotA)'
3 non-polymer 'CALCIUM ION'
4 non-polymer 'ZINC ION'
5 water water
#
loop_
_entity_poly.entity_id
_entity_poly.type
_entity_poly.pdbx_seq_one_letter_code
_entity_poly.pdbx_strand_id
1 'polypeptide(L)'
;GPVWRKHYITYRINNYTPDMNREDVDYAIRKAFQVWSNVTPLKFSKINTGMADILVVFARGAHGDDHAFDGKGGILAHAF
GPGSGIGGDAHFDEDEFWTTHSGGTNLFLTAVHEIGHSLGLGHSSDPKAVMFPTYKYVDINTFRLSADDIRGIQSLYG
;
A,C
2 'polypeptide(L)'
;DQSSCCDKEIIKDVSELTGIISYNTEVKRWYISVSDANSYDNVTLYFPCNLDSKYMKEKEKVIFSGQISKSTLKITLPAG
TTSYCINLMSINKIN
;
B,D
#
loop_
_chem_comp.id
_chem_comp.type
_chem_comp.name
_chem_comp.formula
CA non-polymer 'CALCIUM ION' 'Ca 2'
ZN non-polymer 'ZINC ION' 'Zn 2'
#
# COMPACT_ATOMS: atom_id res chain seq x y z
N GLY A 1 33.75 -7.73 7.72
CA GLY A 1 32.45 -7.81 7.05
C GLY A 1 31.89 -6.47 6.62
N PRO A 2 31.14 -6.40 5.49
CA PRO A 2 30.60 -5.11 5.05
C PRO A 2 29.44 -4.59 5.91
N VAL A 3 29.32 -3.26 5.96
CA VAL A 3 28.25 -2.56 6.67
C VAL A 3 27.70 -1.47 5.76
N TRP A 4 26.49 -0.97 6.04
CA TRP A 4 25.95 0.19 5.34
C TRP A 4 26.71 1.40 5.85
N ARG A 5 27.27 2.21 4.92
CA ARG A 5 28.10 3.40 5.23
C ARG A 5 27.26 4.63 5.53
N LYS A 6 25.95 4.55 5.26
CA LYS A 6 24.94 5.57 5.52
C LYS A 6 24.00 5.08 6.60
N HIS A 7 23.27 5.98 7.27
CA HIS A 7 22.31 5.59 8.31
C HIS A 7 20.85 5.64 7.80
N TYR A 8 20.60 6.35 6.67
CA TYR A 8 19.28 6.45 6.03
C TYR A 8 19.20 5.33 4.99
N ILE A 9 18.47 4.25 5.32
CA ILE A 9 18.35 3.05 4.48
C ILE A 9 16.89 2.88 4.03
N THR A 10 16.69 2.65 2.75
CA THR A 10 15.36 2.45 2.15
C THR A 10 15.10 0.98 1.88
N TYR A 11 13.83 0.59 2.00
CA TYR A 11 13.40 -0.74 1.63
C TYR A 11 12.16 -0.65 0.78
N ARG A 12 11.96 -1.65 -0.06
CA ARG A 12 10.81 -1.73 -0.93
C ARG A 12 10.30 -3.16 -0.90
N ILE A 13 8.96 -3.31 -0.83
CA ILE A 13 8.37 -4.65 -0.86
C ILE A 13 8.02 -4.90 -2.30
N ASN A 14 8.82 -5.78 -2.95
CA ASN A 14 8.72 -6.09 -4.38
C ASN A 14 7.34 -6.66 -4.75
N ASN A 15 6.84 -7.57 -3.91
CA ASN A 15 5.56 -8.27 -4.10
C ASN A 15 5.10 -8.80 -2.75
N TYR A 16 3.85 -9.24 -2.67
CA TYR A 16 3.27 -9.71 -1.41
C TYR A 16 2.87 -11.17 -1.47
N THR A 17 2.98 -11.85 -0.32
CA THR A 17 2.56 -13.24 -0.17
C THR A 17 1.01 -13.32 -0.11
N PRO A 18 0.36 -14.31 -0.79
CA PRO A 18 -1.10 -14.40 -0.68
C PRO A 18 -1.55 -15.10 0.61
N ASP A 19 -0.59 -15.55 1.43
CA ASP A 19 -0.84 -16.24 2.71
C ASP A 19 -1.41 -15.31 3.77
N MET A 20 -1.08 -14.02 3.64
CA MET A 20 -1.41 -12.96 4.59
C MET A 20 -2.00 -11.76 3.90
N ASN A 21 -2.81 -10.97 4.64
CA ASN A 21 -3.37 -9.72 4.13
C ASN A 21 -2.20 -8.75 3.88
N ARG A 22 -2.28 -7.86 2.85
CA ARG A 22 -1.22 -6.91 2.50
C ARG A 22 -0.82 -6.04 3.71
N GLU A 23 -1.81 -5.60 4.54
CA GLU A 23 -1.56 -4.76 5.73
C GLU A 23 -0.72 -5.52 6.77
N ASP A 24 -0.98 -6.84 6.92
CA ASP A 24 -0.26 -7.70 7.86
C ASP A 24 1.19 -7.91 7.45
N VAL A 25 1.46 -7.97 6.12
CA VAL A 25 2.83 -8.09 5.58
C VAL A 25 3.55 -6.77 5.85
N ASP A 26 2.89 -5.63 5.51
CA ASP A 26 3.43 -4.30 5.75
C ASP A 26 3.84 -4.12 7.21
N TYR A 27 2.93 -4.46 8.15
CA TYR A 27 3.12 -4.33 9.60
C TYR A 27 4.32 -5.11 10.09
N ALA A 28 4.37 -6.43 9.74
CA ALA A 28 5.45 -7.35 10.11
C ALA A 28 6.79 -6.80 9.66
N ILE A 29 6.89 -6.33 8.40
CA ILE A 29 8.12 -5.81 7.83
C ILE A 29 8.50 -4.49 8.52
N ARG A 30 7.56 -3.58 8.66
CA ARG A 30 7.83 -2.30 9.33
C ARG A 30 8.30 -2.52 10.77
N LYS A 31 7.64 -3.40 11.53
CA LYS A 31 8.02 -3.68 12.91
C LYS A 31 9.37 -4.42 12.99
N ALA A 32 9.72 -5.28 11.98
CA ALA A 32 11.00 -5.99 11.94
C ALA A 32 12.15 -4.99 11.74
N PHE A 33 11.97 -3.97 10.88
CA PHE A 33 13.00 -2.93 10.71
C PHE A 33 13.08 -2.06 11.98
N GLN A 34 11.92 -1.81 12.63
CA GLN A 34 11.88 -1.04 13.86
C GLN A 34 12.70 -1.70 14.99
N VAL A 35 12.73 -3.05 15.05
CA VAL A 35 13.49 -3.79 16.05
C VAL A 35 14.98 -3.34 16.02
N TRP A 36 15.52 -3.24 14.80
CA TRP A 36 16.91 -2.90 14.57
C TRP A 36 17.17 -1.41 14.62
N SER A 37 16.25 -0.59 14.12
CA SER A 37 16.46 0.87 14.21
C SER A 37 16.42 1.34 15.67
N ASN A 38 15.72 0.62 16.58
CA ASN A 38 15.63 1.00 18.00
C ASN A 38 16.96 0.90 18.77
N VAL A 39 17.93 0.13 18.26
CA VAL A 39 19.16 -0.10 18.99
C VAL A 39 20.40 0.38 18.21
N THR A 40 20.20 1.13 17.08
CA THR A 40 21.27 1.62 16.20
C THR A 40 21.00 3.05 15.70
N PRO A 41 21.91 3.77 15.02
CA PRO A 41 21.53 5.09 14.49
C PRO A 41 20.89 4.96 13.09
N LEU A 42 20.50 3.74 12.69
CA LEU A 42 19.90 3.50 11.38
C LEU A 42 18.43 3.90 11.37
N LYS A 43 17.98 4.45 10.25
CA LYS A 43 16.62 4.88 9.97
C LYS A 43 16.17 4.18 8.72
N PHE A 44 15.01 3.51 8.76
CA PHE A 44 14.50 2.78 7.61
C PHE A 44 13.25 3.46 7.09
N SER A 45 13.19 3.68 5.75
CA SER A 45 12.03 4.28 5.08
C SER A 45 11.53 3.36 3.97
N LYS A 46 10.23 3.13 3.90
CA LYS A 46 9.63 2.30 2.85
C LYS A 46 9.41 3.16 1.60
N ILE A 47 9.88 2.68 0.44
CA ILE A 47 9.67 3.37 -0.85
C ILE A 47 8.92 2.39 -1.78
N ASN A 48 8.09 2.89 -2.69
CA ASN A 48 7.28 2.04 -3.58
C ASN A 48 7.70 2.15 -5.04
N THR A 49 8.61 3.10 -5.34
CA THR A 49 9.12 3.37 -6.68
C THR A 49 10.64 3.50 -6.57
N GLY A 50 11.34 3.23 -7.67
CA GLY A 50 12.79 3.35 -7.75
C GLY A 50 13.53 2.27 -7.00
N MET A 51 14.87 2.36 -7.01
CA MET A 51 15.72 1.38 -6.38
C MET A 51 15.89 1.66 -4.89
N ALA A 52 15.50 0.69 -4.09
CA ALA A 52 15.65 0.71 -2.63
C ALA A 52 16.97 0.06 -2.28
N ASP A 53 17.45 0.29 -1.04
CA ASP A 53 18.66 -0.38 -0.60
C ASP A 53 18.36 -1.84 -0.33
N ILE A 54 17.24 -2.11 0.35
CA ILE A 54 16.83 -3.47 0.70
C ILE A 54 15.54 -3.81 -0.03
N LEU A 55 15.62 -4.76 -0.96
CA LEU A 55 14.42 -5.19 -1.66
C LEU A 55 13.89 -6.45 -0.98
N VAL A 56 12.60 -6.44 -0.60
CA VAL A 56 11.92 -7.55 0.06
C VAL A 56 11.15 -8.32 -0.99
N VAL A 57 11.50 -9.62 -1.21
CA VAL A 57 10.86 -10.41 -2.27
C VAL A 57 10.25 -11.71 -1.69
N PHE A 58 9.10 -12.13 -2.21
CA PHE A 58 8.49 -13.43 -1.88
C PHE A 58 8.60 -14.24 -3.17
N ALA A 59 9.34 -15.36 -3.14
CA ALA A 59 9.52 -16.18 -4.34
C ALA A 59 9.66 -17.67 -4.03
N ARG A 60 9.36 -18.54 -4.99
CA ARG A 60 9.55 -19.99 -4.81
C ARG A 60 10.55 -20.49 -5.84
N GLY A 61 11.22 -21.60 -5.51
CA GLY A 61 12.24 -22.23 -6.34
C GLY A 61 13.29 -21.26 -6.85
N ALA A 62 13.73 -21.43 -8.12
CA ALA A 62 14.71 -20.52 -8.74
C ALA A 62 14.05 -19.19 -9.03
N HIS A 63 14.68 -18.07 -8.63
CA HIS A 63 14.10 -16.75 -8.81
C HIS A 63 15.16 -15.68 -9.24
N GLY A 64 16.12 -16.09 -10.06
CA GLY A 64 17.11 -15.20 -10.66
C GLY A 64 18.35 -14.76 -9.89
N ASP A 65 18.67 -15.40 -8.74
CA ASP A 65 19.88 -14.98 -8.03
C ASP A 65 20.87 -16.11 -7.70
N ASP A 66 20.71 -17.28 -8.36
CA ASP A 66 21.57 -18.46 -8.20
C ASP A 66 21.37 -19.20 -6.87
N HIS A 67 20.35 -18.83 -6.08
CA HIS A 67 20.11 -19.50 -4.79
C HIS A 67 18.63 -19.84 -4.71
N ALA A 68 18.28 -20.90 -5.42
CA ALA A 68 16.92 -21.41 -5.56
C ALA A 68 16.37 -21.81 -4.22
N PHE A 69 15.09 -21.49 -3.95
CA PHE A 69 14.44 -21.95 -2.73
C PHE A 69 14.17 -23.44 -2.90
N ASP A 70 13.84 -24.13 -1.80
CA ASP A 70 13.74 -25.59 -1.75
C ASP A 70 12.32 -26.17 -1.52
N GLY A 71 11.26 -25.41 -1.85
CA GLY A 71 9.89 -25.88 -1.66
C GLY A 71 9.48 -25.86 -0.19
N LYS A 72 8.31 -26.44 0.15
CA LYS A 72 7.84 -26.46 1.54
C LYS A 72 8.84 -27.29 2.39
N GLY A 73 9.29 -26.70 3.49
CA GLY A 73 10.27 -27.35 4.37
C GLY A 73 11.65 -26.82 4.08
N GLY A 74 12.68 -27.43 4.65
CA GLY A 74 14.05 -26.94 4.45
C GLY A 74 14.21 -25.54 5.01
N ILE A 75 14.81 -24.60 4.23
CA ILE A 75 15.01 -23.24 4.74
C ILE A 75 13.79 -22.37 4.42
N LEU A 76 13.73 -21.18 5.01
CA LEU A 76 12.57 -20.31 4.94
C LEU A 76 12.79 -19.02 4.15
N ALA A 77 14.01 -18.55 4.10
CA ALA A 77 14.34 -17.27 3.49
C ALA A 77 15.82 -17.18 3.33
N HIS A 78 16.29 -16.10 2.70
CA HIS A 78 17.71 -15.80 2.69
C HIS A 78 17.90 -14.33 2.39
N ALA A 79 19.02 -13.79 2.83
CA ALA A 79 19.32 -12.37 2.62
C ALA A 79 20.79 -12.19 2.33
N PHE A 80 21.09 -11.12 1.62
CA PHE A 80 22.45 -10.77 1.25
C PHE A 80 22.92 -9.65 2.13
N GLY A 81 24.19 -9.72 2.52
CA GLY A 81 24.83 -8.72 3.35
C GLY A 81 24.92 -7.37 2.64
N PRO A 82 25.26 -6.29 3.36
CA PRO A 82 25.30 -4.95 2.75
C PRO A 82 26.16 -4.88 1.52
N GLY A 83 25.67 -4.14 0.54
CA GLY A 83 26.32 -3.91 -0.73
C GLY A 83 25.34 -3.42 -1.77
N SER A 84 25.85 -3.10 -2.95
CA SER A 84 25.04 -2.63 -4.06
C SER A 84 24.28 -3.78 -4.71
N GLY A 85 23.30 -3.45 -5.54
CA GLY A 85 22.53 -4.42 -6.30
C GLY A 85 21.79 -5.36 -5.37
N ILE A 86 22.06 -6.66 -5.48
CA ILE A 86 21.44 -7.69 -4.64
C ILE A 86 21.83 -7.54 -3.15
N GLY A 87 22.94 -6.84 -2.86
CA GLY A 87 23.37 -6.61 -1.48
C GLY A 87 22.25 -6.04 -0.62
N GLY A 88 22.01 -6.61 0.56
CA GLY A 88 20.94 -6.17 1.44
C GLY A 88 19.57 -6.77 1.17
N ASP A 89 19.33 -7.34 -0.02
CA ASP A 89 18.00 -7.85 -0.40
C ASP A 89 17.61 -9.08 0.43
N ALA A 90 16.34 -9.16 0.82
CA ALA A 90 15.81 -10.23 1.66
C ALA A 90 14.72 -10.95 0.91
N HIS A 91 14.89 -12.25 0.73
CA HIS A 91 13.96 -13.08 -0.06
C HIS A 91 13.31 -14.07 0.85
N PHE A 92 12.01 -14.26 0.67
CA PHE A 92 11.22 -15.14 1.52
C PHE A 92 10.66 -16.21 0.67
N ASP A 93 10.81 -17.47 1.13
CA ASP A 93 10.34 -18.62 0.35
C ASP A 93 8.80 -18.65 0.31
N GLU A 94 8.23 -18.39 -0.85
CA GLU A 94 6.77 -18.40 -1.02
C GLU A 94 6.16 -19.83 -0.82
N ASP A 95 6.97 -20.88 -0.89
CA ASP A 95 6.45 -22.25 -0.66
C ASP A 95 6.20 -22.51 0.84
N GLU A 96 6.62 -21.58 1.68
CA GLU A 96 6.31 -21.55 3.10
C GLU A 96 4.97 -20.87 3.28
N PHE A 97 4.30 -21.20 4.40
CA PHE A 97 3.04 -20.60 4.76
C PHE A 97 3.32 -19.57 5.82
N TRP A 98 3.37 -18.31 5.38
CA TRP A 98 3.66 -17.14 6.22
C TRP A 98 2.45 -16.76 7.07
N THR A 99 2.70 -16.48 8.36
CA THR A 99 1.62 -16.17 9.32
C THR A 99 1.95 -14.94 10.14
N THR A 100 0.89 -14.29 10.67
CA THR A 100 1.01 -13.13 11.53
C THR A 100 1.47 -13.58 12.90
N HIS A 101 1.04 -14.78 13.31
CA HIS A 101 1.41 -15.43 14.59
C HIS A 101 2.04 -16.79 14.29
N SER A 102 1.54 -17.88 14.91
CA SER A 102 2.10 -19.21 14.64
C SER A 102 1.14 -20.04 13.75
N GLY A 103 1.38 -21.36 13.65
CA GLY A 103 0.60 -22.23 12.80
C GLY A 103 1.10 -22.15 11.36
N GLY A 104 2.38 -21.87 11.24
CA GLY A 104 3.10 -21.68 9.99
C GLY A 104 4.39 -20.97 10.31
N THR A 105 5.05 -20.40 9.30
CA THR A 105 6.29 -19.65 9.54
C THR A 105 5.92 -18.17 9.85
N ASN A 106 6.34 -17.65 11.01
CA ASN A 106 6.02 -16.28 11.38
C ASN A 106 6.88 -15.29 10.56
N LEU A 107 6.23 -14.49 9.71
CA LEU A 107 6.91 -13.51 8.86
C LEU A 107 7.72 -12.52 9.71
N PHE A 108 7.13 -11.94 10.79
CA PHE A 108 7.81 -10.95 11.61
C PHE A 108 9.16 -11.45 12.08
N LEU A 109 9.19 -12.59 12.80
CA LEU A 109 10.45 -13.16 13.32
C LEU A 109 11.43 -13.48 12.23
N THR A 110 10.96 -14.06 11.11
CA THR A 110 11.85 -14.39 9.98
C THR A 110 12.44 -13.10 9.39
N ALA A 111 11.62 -12.03 9.25
CA ALA A 111 12.10 -10.75 8.72
C ALA A 111 13.10 -10.14 9.68
N VAL A 112 12.88 -10.24 10.99
CA VAL A 112 13.87 -9.71 11.97
C VAL A 112 15.21 -10.38 11.71
N HIS A 113 15.19 -11.72 11.65
CA HIS A 113 16.38 -12.50 11.39
C HIS A 113 17.02 -12.11 10.04
N GLU A 114 16.26 -12.08 8.92
CA GLU A 114 16.81 -11.76 7.61
C GLU A 114 17.31 -10.33 7.53
N ILE A 115 16.61 -9.35 8.16
CA ILE A 115 17.08 -7.96 8.16
C ILE A 115 18.40 -7.90 8.95
N GLY A 116 18.56 -8.68 10.00
CA GLY A 116 19.83 -8.70 10.72
C GLY A 116 20.97 -9.05 9.74
N HIS A 117 20.73 -10.01 8.82
CA HIS A 117 21.70 -10.37 7.77
C HIS A 117 21.87 -9.25 6.76
N SER A 118 20.77 -8.59 6.36
CA SER A 118 20.81 -7.45 5.42
C SER A 118 21.70 -6.33 5.95
N LEU A 119 21.79 -6.22 7.30
CA LEU A 119 22.57 -5.19 7.97
C LEU A 119 24.01 -5.62 8.24
N GLY A 120 24.34 -6.87 7.95
CA GLY A 120 25.69 -7.38 8.08
C GLY A 120 25.96 -8.36 9.20
N LEU A 121 24.91 -8.74 9.97
CA LEU A 121 25.09 -9.71 11.03
C LEU A 121 25.19 -11.11 10.51
N GLY A 122 26.05 -11.90 11.15
CA GLY A 122 26.13 -13.33 10.89
C GLY A 122 25.27 -14.00 11.95
N HIS A 123 25.37 -15.33 12.08
CA HIS A 123 24.62 -16.03 13.12
C HIS A 123 25.26 -15.88 14.48
N SER A 124 24.40 -16.02 15.50
CA SER A 124 24.80 -15.94 16.89
C SER A 124 24.86 -17.33 17.47
N SER A 125 25.74 -17.54 18.44
CA SER A 125 25.85 -18.82 19.11
C SER A 125 25.06 -18.77 20.43
N ASP A 126 24.28 -17.70 20.64
CA ASP A 126 23.46 -17.56 21.85
C ASP A 126 22.07 -18.13 21.53
N PRO A 127 21.58 -19.19 22.21
CA PRO A 127 20.23 -19.73 21.87
C PRO A 127 19.09 -18.74 22.03
N LYS A 128 19.29 -17.68 22.82
CA LYS A 128 18.25 -16.68 23.03
C LYS A 128 18.16 -15.65 21.89
N ALA A 129 19.22 -15.54 21.07
CA ALA A 129 19.30 -14.49 20.06
C ALA A 129 18.38 -14.71 18.85
N VAL A 130 17.88 -13.63 18.29
CA VAL A 130 17.08 -13.74 17.07
C VAL A 130 18.00 -14.20 15.92
N MET A 131 19.31 -13.95 16.02
CA MET A 131 20.27 -14.33 14.97
C MET A 131 20.75 -15.78 15.18
N PHE A 132 20.24 -16.46 16.21
CA PHE A 132 20.53 -17.89 16.39
C PHE A 132 19.95 -18.60 15.19
N PRO A 133 20.65 -19.60 14.61
CA PRO A 133 20.18 -20.18 13.34
C PRO A 133 18.82 -20.87 13.36
N THR A 134 18.41 -21.45 14.52
CA THR A 134 17.17 -22.23 14.66
C THR A 134 15.94 -21.36 14.68
N TYR A 135 14.93 -21.73 13.87
CA TYR A 135 13.66 -21.01 13.87
C TYR A 135 12.95 -21.25 15.22
N LYS A 136 12.62 -20.16 15.95
CA LYS A 136 11.94 -20.31 17.25
C LYS A 136 10.80 -19.35 17.31
N TYR A 137 9.61 -19.85 17.55
CA TYR A 137 8.48 -18.93 17.60
C TYR A 137 8.30 -18.35 18.98
N VAL A 138 8.13 -17.02 19.04
CA VAL A 138 7.80 -16.22 20.22
C VAL A 138 6.75 -15.22 19.77
N ASP A 139 5.82 -14.83 20.67
CA ASP A 139 4.80 -13.86 20.26
C ASP A 139 5.45 -12.47 20.06
N ILE A 140 4.97 -11.68 19.07
CA ILE A 140 5.45 -10.33 18.79
C ILE A 140 5.47 -9.43 20.07
N ASN A 141 4.51 -9.62 21.02
CA ASN A 141 4.48 -8.81 22.26
C ASN A 141 5.62 -9.17 23.20
N THR A 142 5.99 -10.45 23.24
CA THR A 142 7.02 -11.01 24.12
C THR A 142 8.41 -10.84 23.49
N PHE A 143 8.48 -10.84 22.16
CA PHE A 143 9.74 -10.77 21.45
C PHE A 143 10.62 -9.59 21.84
N ARG A 144 11.88 -9.90 22.13
CA ARG A 144 12.92 -8.91 22.44
C ARG A 144 14.23 -9.39 21.86
N LEU A 145 15.03 -8.47 21.33
CA LEU A 145 16.39 -8.78 20.93
C LEU A 145 17.15 -9.20 22.17
N SER A 146 18.02 -10.18 22.05
CA SER A 146 18.83 -10.59 23.18
C SER A 146 19.99 -9.63 23.32
N ALA A 147 20.69 -9.71 24.44
CA ALA A 147 21.87 -8.89 24.71
C ALA A 147 22.93 -9.14 23.65
N ASP A 148 23.07 -10.41 23.21
CA ASP A 148 23.99 -10.78 22.15
C ASP A 148 23.65 -10.08 20.82
N ASP A 149 22.36 -10.00 20.46
CA ASP A 149 21.91 -9.35 19.22
C ASP A 149 22.24 -7.86 19.23
N ILE A 150 22.03 -7.24 20.40
CA ILE A 150 22.29 -5.82 20.64
C ILE A 150 23.80 -5.59 20.53
N ARG A 151 24.59 -6.42 21.18
CA ARG A 151 26.06 -6.29 21.14
C ARG A 151 26.55 -6.42 19.68
N GLY A 152 26.05 -7.42 18.96
CA GLY A 152 26.41 -7.66 17.56
C GLY A 152 26.11 -6.49 16.64
N ILE A 153 24.89 -5.96 16.71
CA ILE A 153 24.50 -4.87 15.80
C ILE A 153 25.19 -3.54 16.21
N GLN A 154 25.40 -3.30 17.51
CA GLN A 154 26.05 -2.06 17.97
C GLN A 154 27.53 -2.12 17.68
N SER A 155 28.12 -3.32 17.62
CA SER A 155 29.53 -3.48 17.25
C SER A 155 29.77 -2.99 15.82
N LEU A 156 28.74 -3.06 14.95
CA LEU A 156 28.81 -2.63 13.56
C LEU A 156 28.41 -1.18 13.40
N TYR A 157 27.33 -0.74 14.09
CA TYR A 157 26.79 0.59 13.85
C TYR A 157 26.84 1.59 14.98
N GLY A 158 27.14 1.16 16.20
CA GLY A 158 27.19 2.05 17.36
C GLY A 158 25.81 2.10 18.05
N SER B 4 42.37 -35.91 -4.41
CA SER B 4 41.13 -35.13 -4.56
C SER B 4 41.24 -34.11 -5.70
N CYS B 5 40.12 -33.90 -6.41
CA CYS B 5 40.00 -32.95 -7.52
C CYS B 5 40.02 -31.49 -7.01
N CYS B 6 39.79 -31.29 -5.69
CA CYS B 6 39.77 -29.99 -5.03
C CYS B 6 41.18 -29.42 -4.91
N ASP B 7 41.30 -28.08 -5.05
CA ASP B 7 42.60 -27.39 -4.97
C ASP B 7 43.12 -27.33 -3.53
N LYS B 8 42.24 -26.95 -2.58
CA LYS B 8 42.58 -26.79 -1.16
C LYS B 8 42.62 -28.13 -0.43
N GLU B 9 43.33 -28.20 0.70
CA GLU B 9 43.48 -29.46 1.45
C GLU B 9 42.13 -29.96 2.01
N ILE B 10 41.98 -31.29 2.08
CA ILE B 10 40.77 -31.94 2.59
C ILE B 10 40.59 -31.57 4.06
N ILE B 11 39.41 -31.06 4.40
CA ILE B 11 39.05 -30.71 5.77
C ILE B 11 38.61 -32.00 6.47
N LYS B 12 37.65 -32.70 5.84
CA LYS B 12 37.02 -33.92 6.33
C LYS B 12 36.24 -34.63 5.25
N ASP B 13 35.72 -35.82 5.60
CA ASP B 13 34.86 -36.64 4.77
C ASP B 13 33.42 -36.43 5.21
N VAL B 14 32.50 -36.25 4.25
CA VAL B 14 31.06 -36.16 4.52
C VAL B 14 30.47 -37.48 4.07
N SER B 15 29.50 -38.02 4.84
CA SER B 15 28.95 -39.33 4.53
C SER B 15 27.42 -39.33 4.46
N GLU B 16 26.87 -39.83 3.34
CA GLU B 16 25.44 -40.03 3.08
C GLU B 16 24.60 -38.78 3.36
N LEU B 17 25.01 -37.62 2.80
CA LEU B 17 24.23 -36.39 2.93
C LEU B 17 23.16 -36.43 1.87
N THR B 18 22.03 -35.77 2.12
CA THR B 18 20.95 -35.69 1.15
C THR B 18 20.88 -34.23 0.68
N GLY B 19 20.98 -34.03 -0.63
CA GLY B 19 20.92 -32.70 -1.21
C GLY B 19 20.16 -32.59 -2.50
N ILE B 20 20.06 -31.37 -3.03
CA ILE B 20 19.37 -31.03 -4.28
C ILE B 20 20.38 -30.42 -5.24
N ILE B 21 20.47 -30.95 -6.45
CA ILE B 21 21.42 -30.46 -7.44
C ILE B 21 20.86 -29.21 -8.15
N SER B 22 21.73 -28.21 -8.36
CA SER B 22 21.41 -27.02 -9.12
C SER B 22 22.67 -26.47 -9.75
N TYR B 23 22.51 -25.49 -10.62
CA TYR B 23 23.60 -24.90 -11.36
C TYR B 23 23.75 -23.44 -11.03
N ASN B 24 24.98 -23.03 -10.71
CA ASN B 24 25.29 -21.62 -10.45
C ASN B 24 25.73 -20.98 -11.77
N THR B 25 24.96 -20.02 -12.28
CA THR B 25 25.22 -19.33 -13.55
C THR B 25 26.41 -18.36 -13.47
N GLU B 26 26.72 -17.83 -12.26
CA GLU B 26 27.80 -16.86 -12.03
C GLU B 26 29.19 -17.52 -12.25
N VAL B 27 29.44 -18.69 -11.64
CA VAL B 27 30.71 -19.42 -11.76
C VAL B 27 30.59 -20.57 -12.80
N LYS B 28 29.38 -20.75 -13.38
CA LYS B 28 29.08 -21.80 -14.38
C LYS B 28 29.48 -23.19 -13.87
N ARG B 29 28.98 -23.53 -12.68
CA ARG B 29 29.30 -24.81 -12.03
C ARG B 29 28.06 -25.40 -11.37
N TRP B 30 27.99 -26.73 -11.35
CA TRP B 30 26.94 -27.49 -10.68
C TRP B 30 27.28 -27.62 -9.20
N TYR B 31 26.26 -27.67 -8.36
CA TYR B 31 26.49 -27.85 -6.92
C TYR B 31 25.36 -28.65 -6.32
N ILE B 32 25.62 -29.20 -5.15
CA ILE B 32 24.62 -29.93 -4.38
C ILE B 32 24.31 -29.07 -3.18
N SER B 33 23.04 -28.75 -2.98
CA SER B 33 22.61 -27.90 -1.87
C SER B 33 22.00 -28.75 -0.75
N VAL B 34 22.51 -28.57 0.48
CA VAL B 34 21.98 -29.29 1.64
C VAL B 34 21.52 -28.25 2.67
N SER B 35 20.22 -28.19 2.94
CA SER B 35 19.70 -27.23 3.94
C SER B 35 19.72 -27.84 5.34
N ASP B 36 19.88 -27.00 6.39
CA ASP B 36 19.84 -27.47 7.76
C ASP B 36 18.42 -27.35 8.25
N ALA B 37 17.76 -28.49 8.48
CA ALA B 37 16.39 -28.55 8.95
C ALA B 37 16.18 -27.63 10.15
N ASN B 38 14.99 -27.02 10.20
CA ASN B 38 14.53 -26.15 11.28
C ASN B 38 15.33 -24.84 11.44
N SER B 39 16.18 -24.50 10.46
CA SER B 39 16.93 -23.23 10.51
C SER B 39 16.27 -22.22 9.63
N TYR B 40 16.54 -20.93 9.82
CA TYR B 40 15.97 -19.96 8.89
C TYR B 40 16.54 -20.09 7.50
N ASP B 41 17.86 -20.17 7.44
CA ASP B 41 18.59 -20.07 6.19
C ASP B 41 19.96 -20.76 6.19
N ASN B 42 20.18 -21.80 7.01
CA ASN B 42 21.47 -22.47 6.96
C ASN B 42 21.49 -23.45 5.83
N VAL B 43 22.39 -23.22 4.88
CA VAL B 43 22.56 -24.04 3.69
C VAL B 43 24.03 -24.26 3.46
N THR B 44 24.40 -25.48 3.05
CA THR B 44 25.76 -25.79 2.62
C THR B 44 25.72 -26.18 1.17
N LEU B 45 26.55 -25.51 0.35
CA LEU B 45 26.67 -25.84 -1.08
C LEU B 45 27.91 -26.66 -1.28
N TYR B 46 27.78 -27.79 -1.96
CA TYR B 46 28.92 -28.63 -2.23
C TYR B 46 29.16 -28.60 -3.71
N PHE B 47 30.28 -28.02 -4.16
CA PHE B 47 30.62 -27.91 -5.57
C PHE B 47 31.53 -29.07 -6.00
N PRO B 48 30.97 -30.12 -6.66
CA PRO B 48 31.80 -31.27 -7.04
C PRO B 48 32.69 -30.96 -8.22
N CYS B 49 33.97 -31.33 -8.13
CA CYS B 49 34.87 -31.14 -9.27
C CYS B 49 34.91 -32.42 -10.13
N ASN B 50 34.16 -33.48 -9.73
CA ASN B 50 34.11 -34.75 -10.47
C ASN B 50 32.65 -35.21 -10.65
N LEU B 51 31.72 -34.29 -10.98
CA LEU B 51 30.31 -34.69 -11.13
C LEU B 51 30.06 -35.27 -12.51
N ASP B 52 29.48 -36.48 -12.57
CA ASP B 52 29.19 -37.09 -13.86
C ASP B 52 28.00 -36.36 -14.48
N SER B 53 28.03 -36.19 -15.82
CA SER B 53 26.97 -35.51 -16.59
C SER B 53 25.56 -36.10 -16.32
N LYS B 54 25.49 -37.40 -15.97
CA LYS B 54 24.26 -38.12 -15.66
C LYS B 54 23.46 -37.41 -14.55
N TYR B 55 24.16 -36.73 -13.58
CA TYR B 55 23.52 -36.05 -12.44
C TYR B 55 23.38 -34.54 -12.64
N MET B 56 23.77 -34.04 -13.82
CA MET B 56 23.67 -32.61 -14.14
C MET B 56 22.23 -32.29 -14.61
N LYS B 57 21.31 -32.34 -13.65
CA LYS B 57 19.88 -32.08 -13.86
C LYS B 57 19.39 -31.20 -12.73
N GLU B 58 18.67 -30.12 -13.07
CA GLU B 58 18.11 -29.20 -12.09
C GLU B 58 17.11 -29.90 -11.18
N LYS B 59 17.21 -29.59 -9.88
CA LYS B 59 16.34 -30.05 -8.79
C LYS B 59 16.41 -31.56 -8.53
N GLU B 60 17.44 -32.24 -9.06
CA GLU B 60 17.64 -33.67 -8.84
C GLU B 60 18.09 -33.90 -7.40
N LYS B 61 17.41 -34.81 -6.70
CA LYS B 61 17.70 -35.17 -5.33
C LYS B 61 18.68 -36.33 -5.32
N VAL B 62 19.78 -36.18 -4.54
CA VAL B 62 20.82 -37.20 -4.44
C VAL B 62 21.22 -37.48 -2.98
N ILE B 63 21.83 -38.66 -2.77
CA ILE B 63 22.47 -39.09 -1.52
C ILE B 63 23.93 -39.19 -1.91
N PHE B 64 24.81 -38.50 -1.19
CA PHE B 64 26.21 -38.48 -1.61
C PHE B 64 27.17 -38.45 -0.43
N SER B 65 28.42 -38.84 -0.72
CA SER B 65 29.56 -38.89 0.18
C SER B 65 30.79 -38.39 -0.56
N GLY B 66 31.70 -37.75 0.16
CA GLY B 66 32.93 -37.24 -0.43
C GLY B 66 33.84 -36.48 0.51
N GLN B 67 35.00 -36.08 -0.02
CA GLN B 67 36.01 -35.31 0.71
C GLN B 67 35.80 -33.88 0.38
N ILE B 68 35.66 -33.03 1.42
CA ILE B 68 35.37 -31.61 1.23
C ILE B 68 36.59 -30.77 1.56
N SER B 69 36.74 -29.67 0.82
CA SER B 69 37.79 -28.69 0.96
C SER B 69 37.20 -27.31 0.90
N LYS B 70 37.91 -26.29 1.40
CA LYS B 70 37.44 -24.91 1.28
C LYS B 70 37.27 -24.59 -0.21
N SER B 71 36.21 -23.87 -0.56
CA SER B 71 35.93 -23.48 -1.95
C SER B 71 36.86 -22.33 -2.38
N THR B 72 37.16 -22.25 -3.67
CA THR B 72 38.03 -21.20 -4.22
C THR B 72 37.22 -20.22 -5.07
N LEU B 73 35.97 -20.58 -5.38
CA LEU B 73 35.05 -19.84 -6.23
C LEU B 73 34.70 -18.46 -5.67
N LYS B 74 34.67 -17.45 -6.57
CA LYS B 74 34.27 -16.08 -6.31
C LYS B 74 32.76 -16.05 -6.57
N ILE B 75 31.99 -16.26 -5.51
CA ILE B 75 30.54 -16.44 -5.59
C ILE B 75 29.83 -15.54 -4.56
N THR B 76 28.67 -15.00 -4.96
CA THR B 76 27.82 -14.12 -4.14
C THR B 76 26.95 -15.01 -3.27
N LEU B 77 27.24 -15.11 -1.97
CA LEU B 77 26.44 -16.02 -1.13
C LEU B 77 25.56 -15.27 -0.16
N PRO B 78 24.30 -15.73 0.05
CA PRO B 78 23.50 -15.08 1.08
C PRO B 78 24.03 -15.51 2.43
N ALA B 79 23.77 -14.72 3.47
CA ALA B 79 24.20 -15.08 4.81
C ALA B 79 23.59 -16.44 5.21
N GLY B 80 24.33 -17.21 5.95
CA GLY B 80 23.86 -18.54 6.34
C GLY B 80 24.26 -19.61 5.34
N THR B 81 24.68 -19.23 4.12
CA THR B 81 25.12 -20.18 3.09
C THR B 81 26.63 -20.25 3.06
N THR B 82 27.16 -21.48 3.19
CA THR B 82 28.61 -21.68 3.10
C THR B 82 28.83 -22.63 1.95
N SER B 83 29.99 -22.56 1.33
CA SER B 83 30.26 -23.45 0.21
C SER B 83 31.55 -24.18 0.44
N TYR B 84 31.62 -25.39 -0.11
CA TYR B 84 32.82 -26.20 -0.11
C TYR B 84 32.99 -26.80 -1.46
N CYS B 85 34.24 -27.16 -1.74
CA CYS B 85 34.58 -27.99 -2.88
C CYS B 85 34.39 -29.43 -2.39
N ILE B 86 33.99 -30.36 -3.26
CA ILE B 86 33.83 -31.77 -2.88
C ILE B 86 34.35 -32.70 -3.98
N ASN B 87 35.07 -33.71 -3.56
CA ASN B 87 35.52 -34.81 -4.39
C ASN B 87 34.56 -35.93 -4.06
N LEU B 88 33.59 -36.17 -4.95
CA LEU B 88 32.56 -37.18 -4.69
C LEU B 88 33.14 -38.58 -4.73
N MET B 89 32.74 -39.38 -3.73
CA MET B 89 33.15 -40.77 -3.60
C MET B 89 31.96 -41.65 -3.99
N SER B 90 30.74 -41.16 -3.75
CA SER B 90 29.52 -41.87 -4.13
C SER B 90 28.42 -40.87 -4.31
N ILE B 91 27.50 -41.13 -5.26
CA ILE B 91 26.35 -40.28 -5.53
C ILE B 91 25.26 -41.14 -6.20
N ASN B 92 24.04 -41.07 -5.67
CA ASN B 92 22.93 -41.82 -6.24
C ASN B 92 21.67 -41.01 -6.22
N LYS B 93 20.88 -41.09 -7.30
CA LYS B 93 19.59 -40.42 -7.41
C LYS B 93 18.63 -41.02 -6.37
N ILE B 94 17.83 -40.16 -5.68
CA ILE B 94 16.82 -40.63 -4.73
C ILE B 94 15.47 -39.99 -5.12
N ASN B 95 14.37 -40.78 -4.96
CA ASN B 95 12.95 -40.54 -5.28
C ASN B 95 12.73 -39.96 -6.69
N GLY C 1 -20.52 26.59 -17.91
CA GLY C 1 -21.25 25.98 -16.81
C GLY C 1 -22.72 26.42 -16.72
N PRO C 2 -23.65 25.54 -16.27
CA PRO C 2 -25.06 25.96 -16.15
C PRO C 2 -25.31 26.92 -14.98
N VAL C 3 -26.36 27.76 -15.11
CA VAL C 3 -26.76 28.72 -14.08
C VAL C 3 -28.27 28.63 -13.88
N TRP C 4 -28.77 29.11 -12.74
CA TRP C 4 -30.22 29.23 -12.55
C TRP C 4 -30.70 30.43 -13.33
N ARG C 5 -31.92 30.37 -13.86
CA ARG C 5 -32.49 31.51 -14.59
C ARG C 5 -33.51 32.22 -13.69
N LYS C 6 -34.04 31.51 -12.66
CA LYS C 6 -35.02 32.08 -11.72
C LYS C 6 -34.39 33.07 -10.75
N HIS C 7 -35.15 34.11 -10.40
CA HIS C 7 -34.82 35.15 -9.43
C HIS C 7 -35.04 34.54 -8.03
N TYR C 8 -36.22 33.93 -7.81
CA TYR C 8 -36.57 33.25 -6.57
C TYR C 8 -36.36 31.75 -6.71
N ILE C 9 -35.32 31.29 -6.07
CA ILE C 9 -34.92 29.89 -6.01
C ILE C 9 -35.40 29.35 -4.67
N THR C 10 -36.09 28.23 -4.70
CA THR C 10 -36.62 27.61 -3.48
C THR C 10 -35.71 26.51 -2.96
N TYR C 11 -35.68 26.34 -1.63
CA TYR C 11 -34.96 25.24 -1.01
C TYR C 11 -35.84 24.59 0.03
N ARG C 12 -35.61 23.32 0.26
CA ARG C 12 -36.36 22.53 1.25
C ARG C 12 -35.37 21.68 2.02
N ILE C 13 -35.58 21.58 3.33
CA ILE C 13 -34.71 20.74 4.15
C ILE C 13 -35.41 19.40 4.28
N ASN C 14 -34.84 18.40 3.57
CA ASN C 14 -35.40 17.05 3.49
C ASN C 14 -35.49 16.36 4.87
N ASN C 15 -34.46 16.50 5.69
CA ASN C 15 -34.35 15.92 7.03
C ASN C 15 -33.29 16.72 7.83
N TYR C 16 -33.24 16.49 9.15
CA TYR C 16 -32.31 17.22 10.01
C TYR C 16 -31.31 16.34 10.70
N THR C 17 -30.11 16.88 10.95
CA THR C 17 -29.06 16.19 11.68
C THR C 17 -29.38 16.17 13.19
N PRO C 18 -29.16 15.04 13.91
CA PRO C 18 -29.43 15.05 15.37
C PRO C 18 -28.27 15.68 16.17
N ASP C 19 -27.20 16.10 15.48
CA ASP C 19 -26.01 16.74 16.08
C ASP C 19 -26.29 18.13 16.60
N MET C 20 -27.30 18.78 16.00
CA MET C 20 -27.69 20.15 16.25
C MET C 20 -29.17 20.27 16.45
N ASN C 21 -29.63 21.32 17.17
CA ASN C 21 -31.06 21.60 17.33
C ASN C 21 -31.61 21.98 15.95
N ARG C 22 -32.88 21.65 15.65
CA ARG C 22 -33.53 21.94 14.36
C ARG C 22 -33.45 23.46 14.01
N GLU C 23 -33.60 24.36 15.01
CA GLU C 23 -33.51 25.83 14.80
C GLU C 23 -32.10 26.24 14.36
N ASP C 24 -31.07 25.57 14.91
CA ASP C 24 -29.67 25.85 14.59
C ASP C 24 -29.33 25.42 13.15
N VAL C 25 -29.94 24.32 12.66
CA VAL C 25 -29.77 23.85 11.28
C VAL C 25 -30.43 24.86 10.36
N ASP C 26 -31.69 25.24 10.68
CA ASP C 26 -32.45 26.24 9.93
C ASP C 26 -31.66 27.55 9.77
N TYR C 27 -31.08 28.07 10.88
CA TYR C 27 -30.30 29.32 10.93
C TYR C 27 -29.06 29.22 10.02
N ALA C 28 -28.25 28.16 10.19
CA ALA C 28 -27.03 27.95 9.41
C ALA C 28 -27.33 27.95 7.91
N ILE C 29 -28.39 27.22 7.51
CA ILE C 29 -28.79 27.11 6.11
C ILE C 29 -29.31 28.45 5.60
N ARG C 30 -30.20 29.10 6.35
CA ARG C 30 -30.71 30.40 5.96
C ARG C 30 -29.55 31.42 5.80
N LYS C 31 -28.58 31.42 6.74
CA LYS C 31 -27.40 32.31 6.75
C LYS C 31 -26.49 32.06 5.54
N ALA C 32 -26.36 30.77 5.17
CA ALA C 32 -25.52 30.36 4.05
C ALA C 32 -26.12 30.82 2.74
N PHE C 33 -27.46 30.73 2.57
CA PHE C 33 -28.10 31.24 1.36
C PHE C 33 -28.03 32.78 1.32
N GLN C 34 -28.14 33.42 2.52
CA GLN C 34 -28.08 34.87 2.62
C GLN C 34 -26.70 35.41 2.15
N VAL C 35 -25.61 34.67 2.42
CA VAL C 35 -24.26 35.06 2.00
C VAL C 35 -24.24 35.32 0.45
N TRP C 36 -24.87 34.41 -0.30
CA TRP C 36 -24.90 34.46 -1.75
C TRP C 36 -25.97 35.39 -2.27
N SER C 37 -27.14 35.48 -1.62
CA SER C 37 -28.16 36.41 -2.10
C SER C 37 -27.69 37.86 -1.90
N ASN C 38 -26.79 38.14 -0.93
CA ASN C 38 -26.29 39.50 -0.67
C ASN C 38 -25.41 40.08 -1.79
N VAL C 39 -24.85 39.23 -2.66
CA VAL C 39 -23.92 39.71 -3.70
C VAL C 39 -24.43 39.40 -5.12
N THR C 40 -25.70 38.95 -5.27
CA THR C 40 -26.32 38.56 -6.54
C THR C 40 -27.79 39.01 -6.62
N PRO C 41 -28.50 38.93 -7.76
CA PRO C 41 -29.93 39.30 -7.74
C PRO C 41 -30.81 38.10 -7.36
N LEU C 42 -30.21 37.03 -6.82
CA LEU C 42 -30.96 35.84 -6.43
C LEU C 42 -31.65 36.02 -5.07
N LYS C 43 -32.83 35.45 -4.91
CA LYS C 43 -33.55 35.43 -3.65
C LYS C 43 -33.87 34.01 -3.34
N PHE C 44 -33.68 33.61 -2.09
CA PHE C 44 -33.93 32.23 -1.70
C PHE C 44 -35.10 32.14 -0.74
N SER C 45 -36.03 31.19 -0.98
CA SER C 45 -37.20 30.99 -0.13
C SER C 45 -37.26 29.56 0.35
N LYS C 46 -37.47 29.34 1.65
CA LYS C 46 -37.59 28.00 2.21
C LYS C 46 -39.02 27.52 2.03
N ILE C 47 -39.20 26.32 1.47
CA ILE C 47 -40.53 25.72 1.30
C ILE C 47 -40.54 24.39 2.06
N ASN C 48 -41.70 24.01 2.61
CA ASN C 48 -41.84 22.79 3.41
C ASN C 48 -42.71 21.75 2.71
N THR C 49 -43.34 22.13 1.59
CA THR C 49 -44.22 21.27 0.80
C THR C 49 -43.86 21.44 -0.67
N GLY C 50 -44.11 20.41 -1.47
CA GLY C 50 -43.82 20.43 -2.90
C GLY C 50 -42.35 20.32 -3.24
N MET C 51 -42.03 20.33 -4.54
CA MET C 51 -40.66 20.20 -5.02
C MET C 51 -39.93 21.53 -5.01
N ALA C 52 -38.81 21.57 -4.29
CA ALA C 52 -37.93 22.73 -4.20
C ALA C 52 -36.86 22.64 -5.26
N ASP C 53 -36.21 23.77 -5.58
CA ASP C 53 -35.10 23.76 -6.53
C ASP C 53 -33.89 23.12 -5.90
N ILE C 54 -33.59 23.48 -4.65
CA ILE C 54 -32.44 22.97 -3.93
C ILE C 54 -32.92 22.13 -2.74
N LEU C 55 -32.68 20.83 -2.78
CA LEU C 55 -33.06 19.97 -1.67
C LEU C 55 -31.82 19.77 -0.77
N VAL C 56 -31.97 20.05 0.53
CA VAL C 56 -30.90 19.93 1.53
C VAL C 56 -31.08 18.60 2.25
N VAL C 57 -30.10 17.68 2.15
CA VAL C 57 -30.22 16.33 2.73
C VAL C 57 -29.04 16.04 3.68
N PHE C 58 -29.29 15.34 4.81
CA PHE C 58 -28.26 14.84 5.72
C PHE C 58 -28.33 13.32 5.58
N ALA C 59 -27.25 12.70 5.13
CA ALA C 59 -27.28 11.25 4.95
C ALA C 59 -25.93 10.64 5.19
N ARG C 60 -25.91 9.35 5.55
CA ARG C 60 -24.66 8.61 5.73
C ARG C 60 -24.59 7.54 4.64
N GLY C 61 -23.38 7.17 4.25
CA GLY C 61 -23.15 6.15 3.23
C GLY C 61 -23.95 6.38 1.96
N ALA C 62 -24.45 5.30 1.37
CA ALA C 62 -25.24 5.37 0.15
C ALA C 62 -26.61 5.94 0.46
N HIS C 63 -27.05 6.93 -0.34
CA HIS C 63 -28.33 7.59 -0.10
C HIS C 63 -29.12 7.90 -1.40
N GLY C 64 -29.05 6.98 -2.37
CA GLY C 64 -29.83 7.08 -3.61
C GLY C 64 -29.35 7.92 -4.78
N ASP C 65 -28.10 8.43 -4.78
CA ASP C 65 -27.66 9.22 -5.92
C ASP C 65 -26.34 8.76 -6.55
N ASP C 66 -25.86 7.55 -6.21
CA ASP C 66 -24.63 6.92 -6.74
C ASP C 66 -23.34 7.55 -6.19
N HIS C 67 -23.43 8.44 -5.18
CA HIS C 67 -22.25 9.07 -4.62
C HIS C 67 -22.34 8.94 -3.12
N ALA C 68 -22.01 7.76 -2.65
CA ALA C 68 -22.08 7.35 -1.26
C ALA C 68 -21.14 8.17 -0.44
N PHE C 69 -21.59 8.62 0.75
CA PHE C 69 -20.67 9.31 1.64
C PHE C 69 -19.70 8.24 2.22
N ASP C 70 -18.57 8.69 2.79
CA ASP C 70 -17.46 7.84 3.19
C ASP C 70 -17.23 7.65 4.72
N GLY C 71 -18.26 7.84 5.54
CA GLY C 71 -18.12 7.69 6.98
C GLY C 71 -17.41 8.88 7.61
N LYS C 72 -17.07 8.79 8.90
CA LYS C 72 -16.36 9.88 9.60
C LYS C 72 -14.99 10.10 8.94
N GLY C 73 -14.70 11.34 8.58
CA GLY C 73 -13.47 11.72 7.90
C GLY C 73 -13.68 11.78 6.42
N GLY C 74 -12.61 11.90 5.64
CA GLY C 74 -12.74 11.99 4.20
C GLY C 74 -13.46 13.29 3.83
N ILE C 75 -14.46 13.21 2.91
CA ILE C 75 -15.18 14.43 2.52
C ILE C 75 -16.39 14.67 3.47
N LEU C 76 -16.99 15.86 3.39
CA LEU C 76 -18.02 16.31 4.32
C LEU C 76 -19.39 16.43 3.72
N ALA C 77 -19.48 16.62 2.42
CA ALA C 77 -20.74 16.92 1.74
C ALA C 77 -20.53 16.89 0.28
N HIS C 78 -21.58 17.12 -0.51
CA HIS C 78 -21.44 17.31 -1.97
C HIS C 78 -22.70 17.94 -2.48
N ALA C 79 -22.59 18.64 -3.60
CA ALA C 79 -23.72 19.32 -4.22
C ALA C 79 -23.64 19.25 -5.72
N PHE C 80 -24.81 19.31 -6.35
CA PHE C 80 -24.90 19.25 -7.80
C PHE C 80 -25.15 20.63 -8.34
N GLY C 81 -24.55 20.93 -9.49
CA GLY C 81 -24.69 22.23 -10.15
C GLY C 81 -26.11 22.47 -10.63
N PRO C 82 -26.45 23.72 -11.05
CA PRO C 82 -27.84 24.03 -11.45
C PRO C 82 -28.36 23.08 -12.51
N GLY C 83 -29.64 22.75 -12.35
CA GLY C 83 -30.38 21.88 -13.24
C GLY C 83 -31.60 21.31 -12.55
N SER C 84 -32.43 20.58 -13.30
CA SER C 84 -33.64 19.97 -12.76
C SER C 84 -33.28 18.72 -11.95
N GLY C 85 -34.26 18.22 -11.20
CA GLY C 85 -34.13 16.99 -10.42
C GLY C 85 -33.05 17.14 -9.38
N ILE C 86 -32.01 16.29 -9.42
CA ILE C 86 -30.90 16.34 -8.47
C ILE C 86 -30.07 17.65 -8.61
N GLY C 87 -30.18 18.33 -9.75
CA GLY C 87 -29.47 19.59 -9.98
C GLY C 87 -29.71 20.60 -8.86
N GLY C 88 -28.63 21.17 -8.32
CA GLY C 88 -28.77 22.12 -7.21
C GLY C 88 -28.82 21.53 -5.81
N ASP C 89 -29.10 20.21 -5.67
CA ASP C 89 -29.28 19.57 -4.36
C ASP C 89 -27.95 19.53 -3.59
N ALA C 90 -28.01 19.74 -2.28
CA ALA C 90 -26.83 19.79 -1.40
C ALA C 90 -27.00 18.74 -0.32
N HIS C 91 -26.03 17.82 -0.24
CA HIS C 91 -26.08 16.67 0.67
C HIS C 91 -24.96 16.77 1.65
N PHE C 92 -25.26 16.50 2.93
CA PHE C 92 -24.30 16.64 4.02
C PHE C 92 -24.11 15.29 4.64
N ASP C 93 -22.86 14.91 4.85
CA ASP C 93 -22.51 13.60 5.40
C ASP C 93 -22.88 13.53 6.88
N GLU C 94 -23.90 12.73 7.20
CA GLU C 94 -24.36 12.58 8.58
C GLU C 94 -23.30 11.90 9.49
N ASP C 95 -22.29 11.23 8.92
CA ASP C 95 -21.26 10.61 9.74
C ASP C 95 -20.27 11.64 10.28
N GLU C 96 -20.42 12.89 9.83
CA GLU C 96 -19.72 14.04 10.36
C GLU C 96 -20.49 14.56 11.54
N PHE C 97 -19.78 15.25 12.46
CA PHE C 97 -20.38 15.88 13.62
C PHE C 97 -20.52 17.36 13.31
N TRP C 98 -21.74 17.75 12.92
CA TRP C 98 -22.09 19.11 12.53
C TRP C 98 -22.24 20.02 13.75
N THR C 99 -21.66 21.22 13.68
CA THR C 99 -21.66 22.17 14.78
C THR C 99 -22.08 23.56 14.32
N THR C 100 -22.58 24.36 15.27
CA THR C 100 -22.97 25.75 15.04
C THR C 100 -21.70 26.60 14.97
N HIS C 101 -20.67 26.18 15.72
CA HIS C 101 -19.37 26.84 15.76
C HIS C 101 -18.23 25.89 15.29
N SER C 102 -17.00 26.14 15.83
CA SER C 102 -15.71 25.51 15.51
C SER C 102 -15.74 23.99 15.57
N THR C 105 -17.41 19.68 12.40
CA THR C 105 -17.55 20.33 11.09
C THR C 105 -18.61 21.44 11.18
N ASN C 106 -18.23 22.69 10.87
CA ASN C 106 -19.18 23.81 10.91
C ASN C 106 -20.17 23.73 9.74
N LEU C 107 -21.46 23.51 10.05
CA LEU C 107 -22.50 23.40 9.03
C LEU C 107 -22.61 24.68 8.19
N PHE C 108 -22.60 25.88 8.83
CA PHE C 108 -22.72 27.16 8.10
C PHE C 108 -21.68 27.25 6.98
N LEU C 109 -20.39 27.15 7.32
CA LEU C 109 -19.30 27.27 6.32
C LEU C 109 -19.39 26.22 5.24
N THR C 110 -19.69 24.95 5.62
CA THR C 110 -19.84 23.86 4.65
C THR C 110 -21.01 24.18 3.69
N ALA C 111 -22.14 24.66 4.23
CA ALA C 111 -23.32 25.01 3.42
C ALA C 111 -22.98 26.18 2.50
N VAL C 112 -22.19 27.16 2.95
CA VAL C 112 -21.82 28.29 2.08
C VAL C 112 -21.08 27.71 0.87
N HIS C 113 -20.09 26.86 1.14
CA HIS C 113 -19.30 26.21 0.11
C HIS C 113 -20.22 25.37 -0.84
N GLU C 114 -21.05 24.47 -0.28
CA GLU C 114 -21.92 23.62 -1.11
C GLU C 114 -22.94 24.41 -1.89
N ILE C 115 -23.53 25.47 -1.28
CA ILE C 115 -24.49 26.32 -2.00
C ILE C 115 -23.75 27.02 -3.16
N GLY C 116 -22.50 27.39 -2.96
CA GLY C 116 -21.75 28.00 -4.08
C GLY C 116 -21.75 27.04 -5.28
N HIS C 117 -21.58 25.73 -5.04
CA HIS C 117 -21.66 24.70 -6.10
C HIS C 117 -23.08 24.57 -6.63
N SER C 118 -24.11 24.62 -5.74
CA SER C 118 -25.51 24.56 -6.18
C SER C 118 -25.85 25.67 -7.15
N LEU C 119 -25.12 26.80 -7.05
CA LEU C 119 -25.35 27.98 -7.86
C LEU C 119 -24.49 27.97 -9.13
N GLY C 120 -23.61 26.99 -9.25
CA GLY C 120 -22.80 26.83 -10.44
C GLY C 120 -21.32 27.15 -10.33
N LEU C 121 -20.85 27.48 -9.11
CA LEU C 121 -19.44 27.76 -8.93
C LEU C 121 -18.62 26.50 -8.83
N GLY C 122 -17.41 26.55 -9.37
CA GLY C 122 -16.47 25.46 -9.23
C GLY C 122 -15.52 25.88 -8.11
N HIS C 123 -14.43 25.16 -7.92
CA HIS C 123 -13.45 25.54 -6.87
C HIS C 123 -12.59 26.71 -7.28
N SER C 124 -12.11 27.42 -6.28
CA SER C 124 -11.24 28.56 -6.45
C SER C 124 -9.84 28.17 -6.09
N SER C 125 -8.84 28.80 -6.71
CA SER C 125 -7.45 28.53 -6.39
C SER C 125 -6.95 29.59 -5.44
N ASP C 126 -7.88 30.42 -4.89
CA ASP C 126 -7.49 31.49 -3.95
C ASP C 126 -7.63 30.89 -2.55
N PRO C 127 -6.57 30.78 -1.72
CA PRO C 127 -6.72 30.20 -0.38
C PRO C 127 -7.71 30.95 0.53
N LYS C 128 -8.00 32.22 0.22
CA LYS C 128 -8.91 33.03 1.03
C LYS C 128 -10.38 32.77 0.69
N ALA C 129 -10.66 32.18 -0.47
CA ALA C 129 -12.03 32.00 -0.94
C ALA C 129 -12.81 30.91 -0.20
N VAL C 130 -14.13 31.12 -0.05
CA VAL C 130 -14.94 30.07 0.57
C VAL C 130 -15.00 28.86 -0.40
N MET C 131 -14.81 29.11 -1.72
CA MET C 131 -14.84 28.05 -2.74
C MET C 131 -13.48 27.34 -2.85
N PHE C 132 -12.52 27.72 -2.02
CA PHE C 132 -11.23 27.01 -1.96
C PHE C 132 -11.54 25.60 -1.48
N PRO C 133 -10.91 24.54 -2.05
CA PRO C 133 -11.33 23.16 -1.71
C PRO C 133 -11.16 22.74 -0.25
N THR C 134 -10.15 23.25 0.45
CA THR C 134 -9.80 22.85 1.82
C THR C 134 -10.76 23.39 2.86
N TYR C 135 -11.21 22.52 3.78
CA TYR C 135 -12.07 22.95 4.90
C TYR C 135 -11.24 23.74 5.88
N LYS C 136 -11.74 24.89 6.30
CA LYS C 136 -11.04 25.66 7.33
C LYS C 136 -12.06 26.49 8.08
N TYR C 137 -12.23 26.19 9.37
CA TYR C 137 -13.17 26.95 10.19
C TYR C 137 -12.68 28.38 10.33
N VAL C 138 -13.61 29.30 10.07
CA VAL C 138 -13.47 30.75 10.13
C VAL C 138 -14.53 31.24 11.14
N ASP C 139 -14.27 32.39 11.82
CA ASP C 139 -15.24 32.98 12.75
C ASP C 139 -16.46 33.42 11.95
N ILE C 140 -17.62 32.79 12.19
CA ILE C 140 -18.91 33.02 11.53
C ILE C 140 -19.32 34.50 11.55
N ASN C 141 -19.17 35.15 12.72
CA ASN C 141 -19.51 36.56 12.96
C ASN C 141 -18.58 37.54 12.22
N THR C 142 -17.45 37.06 11.67
CA THR C 142 -16.54 37.88 10.87
C THR C 142 -16.45 37.34 9.42
N PHE C 143 -16.94 36.10 9.16
CA PHE C 143 -16.88 35.46 7.83
C PHE C 143 -17.32 36.41 6.72
N ARG C 144 -16.53 36.45 5.66
CA ARG C 144 -16.80 37.25 4.48
C ARG C 144 -16.34 36.50 3.26
N LEU C 145 -17.12 36.62 2.19
CA LEU C 145 -16.72 36.12 0.89
C LEU C 145 -15.48 36.86 0.44
N SER C 146 -14.55 36.16 -0.21
CA SER C 146 -13.36 36.83 -0.73
C SER C 146 -13.70 37.50 -2.04
N ALA C 147 -12.79 38.36 -2.52
CA ALA C 147 -12.93 39.08 -3.78
C ALA C 147 -13.10 38.09 -4.92
N ASP C 148 -12.35 36.97 -4.86
CA ASP C 148 -12.42 35.89 -5.85
C ASP C 148 -13.83 35.24 -5.90
N ASP C 149 -14.48 34.99 -4.73
CA ASP C 149 -15.83 34.43 -4.68
C ASP C 149 -16.83 35.39 -5.30
N ILE C 150 -16.69 36.68 -4.95
CA ILE C 150 -17.58 37.74 -5.44
C ILE C 150 -17.43 37.84 -6.96
N ARG C 151 -16.21 37.83 -7.46
CA ARG C 151 -15.96 37.88 -8.90
C ARG C 151 -16.61 36.67 -9.60
N GLY C 152 -16.38 35.48 -9.05
CA GLY C 152 -16.93 34.23 -9.57
C GLY C 152 -18.44 34.21 -9.63
N ILE C 153 -19.13 34.56 -8.52
CA ILE C 153 -20.59 34.50 -8.48
C ILE C 153 -21.22 35.64 -9.32
N GLN C 154 -20.58 36.82 -9.38
CA GLN C 154 -21.12 37.92 -10.16
C GLN C 154 -20.86 37.69 -11.64
N SER C 155 -19.85 36.89 -12.00
CA SER C 155 -19.62 36.56 -13.39
C SER C 155 -20.79 35.72 -13.93
N LEU C 156 -21.46 34.97 -13.05
CA LEU C 156 -22.59 34.12 -13.41
C LEU C 156 -23.90 34.87 -13.31
N TYR C 157 -24.10 35.66 -12.24
CA TYR C 157 -25.40 36.27 -12.01
C TYR C 157 -25.47 37.81 -12.04
N GLY C 158 -24.32 38.48 -11.96
CA GLY C 158 -24.26 39.95 -11.93
C GLY C 158 -24.13 40.44 -10.48
N ASP D 1 1.86 2.48 -29.07
CA ASP D 1 2.10 3.63 -28.22
C ASP D 1 1.93 3.29 -26.73
N GLN D 2 0.88 2.52 -26.36
CA GLN D 2 0.56 2.18 -24.97
C GLN D 2 0.02 0.75 -24.78
N SER D 3 0.13 0.24 -23.55
CA SER D 3 -0.37 -1.06 -23.11
C SER D 3 -1.37 -0.82 -21.98
N SER D 4 -2.61 -0.49 -22.33
CA SER D 4 -3.68 -0.17 -21.37
C SER D 4 -5.06 -0.49 -21.95
N CYS D 5 -5.98 -0.93 -21.08
CA CYS D 5 -7.38 -1.25 -21.42
C CYS D 5 -8.19 0.04 -21.69
N CYS D 6 -7.64 1.21 -21.28
CA CYS D 6 -8.28 2.52 -21.44
C CYS D 6 -8.21 2.98 -22.89
N ASP D 7 -9.26 3.65 -23.37
CA ASP D 7 -9.34 4.12 -24.76
C ASP D 7 -8.42 5.33 -25.00
N LYS D 8 -8.44 6.30 -24.08
CA LYS D 8 -7.69 7.56 -24.16
C LYS D 8 -6.24 7.37 -23.70
N GLU D 9 -5.33 8.26 -24.17
CA GLU D 9 -3.90 8.19 -23.84
C GLU D 9 -3.63 8.27 -22.32
N ILE D 10 -2.61 7.54 -21.85
CA ILE D 10 -2.22 7.51 -20.45
C ILE D 10 -1.73 8.91 -20.05
N ILE D 11 -2.31 9.47 -18.98
CA ILE D 11 -1.92 10.76 -18.47
C ILE D 11 -0.69 10.55 -17.58
N LYS D 12 -0.80 9.61 -16.62
CA LYS D 12 0.22 9.28 -15.64
C LYS D 12 -0.09 7.96 -14.95
N ASP D 13 0.85 7.53 -14.10
CA ASP D 13 0.73 6.37 -13.24
C ASP D 13 0.35 6.83 -11.85
N VAL D 14 -0.60 6.13 -11.21
CA VAL D 14 -0.98 6.39 -9.82
C VAL D 14 -0.37 5.23 -9.01
N SER D 15 0.14 5.52 -7.83
CA SER D 15 0.81 4.50 -7.03
C SER D 15 0.28 4.45 -5.59
N GLU D 16 -0.16 3.25 -5.17
CA GLU D 16 -0.60 2.93 -3.82
C GLU D 16 -1.67 3.91 -3.28
N LEU D 17 -2.73 4.14 -4.06
CA LEU D 17 -3.83 4.96 -3.60
C LEU D 17 -4.75 4.08 -2.78
N THR D 18 -5.45 4.66 -1.81
CA THR D 18 -6.40 3.92 -0.98
C THR D 18 -7.79 4.42 -1.35
N GLY D 19 -8.65 3.50 -1.75
CA GLY D 19 -10.01 3.83 -2.14
C GLY D 19 -11.05 2.83 -1.71
N ILE D 20 -12.32 3.14 -2.00
CA ILE D 20 -13.48 2.31 -1.65
C ILE D 20 -14.19 1.93 -2.95
N ILE D 21 -14.44 0.65 -3.15
CA ILE D 21 -15.10 0.16 -4.35
C ILE D 21 -16.61 0.33 -4.24
N SER D 22 -17.22 0.72 -5.34
CA SER D 22 -18.67 0.81 -5.45
C SER D 22 -19.05 0.67 -6.91
N TYR D 23 -20.34 0.57 -7.15
CA TYR D 23 -20.89 0.39 -8.47
C TYR D 23 -21.75 1.56 -8.87
N ASN D 24 -21.50 2.14 -10.05
CA ASN D 24 -22.31 3.24 -10.57
C ASN D 24 -23.43 2.65 -11.41
N THR D 25 -24.67 2.82 -10.97
CA THR D 25 -25.87 2.28 -11.64
C THR D 25 -26.19 3.02 -12.96
N GLU D 26 -25.77 4.30 -13.09
CA GLU D 26 -26.04 5.10 -14.29
C GLU D 26 -25.26 4.57 -15.53
N VAL D 27 -23.94 4.33 -15.39
CA VAL D 27 -23.10 3.80 -16.48
C VAL D 27 -22.89 2.30 -16.32
N LYS D 28 -23.45 1.69 -15.24
CA LYS D 28 -23.37 0.24 -14.96
C LYS D 28 -21.89 -0.24 -14.95
N ARG D 29 -21.07 0.44 -14.16
CA ARG D 29 -19.65 0.12 -14.04
C ARG D 29 -19.17 0.25 -12.61
N TRP D 30 -18.19 -0.56 -12.24
CA TRP D 30 -17.53 -0.53 -10.94
C TRP D 30 -16.47 0.56 -10.93
N TYR D 31 -16.25 1.17 -9.79
CA TYR D 31 -15.22 2.20 -9.67
C TYR D 31 -14.60 2.15 -8.32
N ILE D 32 -13.45 2.81 -8.19
CA ILE D 32 -12.76 2.97 -6.92
C ILE D 32 -12.85 4.45 -6.60
N SER D 33 -13.35 4.79 -5.41
CA SER D 33 -13.51 6.19 -5.00
C SER D 33 -12.43 6.57 -4.02
N VAL D 34 -11.73 7.69 -4.29
CA VAL D 34 -10.68 8.17 -3.40
C VAL D 34 -11.03 9.62 -3.01
N SER D 35 -11.28 9.89 -1.72
CA SER D 35 -11.56 11.25 -1.28
C SER D 35 -10.27 12.00 -0.90
N ASP D 36 -10.25 13.33 -1.08
CA ASP D 36 -9.10 14.14 -0.71
C ASP D 36 -9.30 14.62 0.71
N ALA D 37 -8.50 14.10 1.63
CA ALA D 37 -8.52 14.49 3.04
C ALA D 37 -8.54 16.01 3.21
N ASN D 38 -9.29 16.46 4.23
CA ASN D 38 -9.46 17.84 4.66
C ASN D 38 -10.14 18.73 3.62
N SER D 39 -10.74 18.17 2.56
CA SER D 39 -11.46 18.97 1.56
C SER D 39 -12.94 18.89 1.84
N TYR D 40 -13.73 19.86 1.34
CA TYR D 40 -15.18 19.74 1.54
C TYR D 40 -15.73 18.57 0.79
N ASP D 41 -15.32 18.42 -0.48
CA ASP D 41 -15.96 17.48 -1.41
C ASP D 41 -15.06 17.04 -2.58
N ASN D 42 -13.74 17.06 -2.44
CA ASN D 42 -12.91 16.58 -3.54
C ASN D 42 -12.83 15.06 -3.53
N VAL D 43 -13.28 14.46 -4.60
CA VAL D 43 -13.29 13.01 -4.79
C VAL D 43 -12.82 12.69 -6.19
N THR D 44 -12.02 11.61 -6.34
CA THR D 44 -11.65 11.10 -7.65
C THR D 44 -12.19 9.70 -7.79
N LEU D 45 -12.90 9.44 -8.88
CA LEU D 45 -13.41 8.10 -9.20
C LEU D 45 -12.51 7.46 -10.23
N TYR D 46 -12.07 6.24 -9.95
CA TYR D 46 -11.23 5.53 -10.91
C TYR D 46 -12.01 4.36 -11.42
N PHE D 47 -12.34 4.35 -12.72
CA PHE D 47 -13.13 3.30 -13.33
C PHE D 47 -12.20 2.26 -13.99
N PRO D 48 -11.94 1.11 -13.34
CA PRO D 48 -11.02 0.11 -13.93
C PRO D 48 -11.63 -0.66 -15.09
N CYS D 49 -10.88 -0.81 -16.18
CA CYS D 49 -11.36 -1.58 -17.32
C CYS D 49 -10.85 -3.04 -17.23
N ASN D 50 -10.05 -3.36 -16.18
CA ASN D 50 -9.53 -4.71 -15.95
C ASN D 50 -9.74 -5.16 -14.48
N LEU D 51 -10.91 -4.86 -13.88
CA LEU D 51 -11.15 -5.25 -12.49
C LEU D 51 -11.58 -6.72 -12.42
N ASP D 52 -10.87 -7.49 -11.58
CA ASP D 52 -11.20 -8.88 -11.30
C ASP D 52 -12.52 -8.92 -10.56
N SER D 53 -13.38 -9.88 -10.89
CA SER D 53 -14.68 -10.10 -10.23
C SER D 53 -14.53 -10.25 -8.70
N LYS D 54 -13.35 -10.71 -8.22
CA LYS D 54 -13.11 -10.92 -6.78
C LYS D 54 -13.12 -9.60 -5.98
N TYR D 55 -12.95 -8.46 -6.66
CA TYR D 55 -12.99 -7.15 -6.01
C TYR D 55 -14.31 -6.42 -6.28
N MET D 56 -15.26 -7.06 -7.02
CA MET D 56 -16.57 -6.45 -7.31
C MET D 56 -17.51 -6.67 -6.12
N LYS D 57 -17.21 -5.97 -5.03
CA LYS D 57 -17.93 -6.00 -3.77
C LYS D 57 -18.12 -4.57 -3.27
N GLU D 58 -19.34 -4.24 -2.89
CA GLU D 58 -19.68 -2.92 -2.37
C GLU D 58 -18.93 -2.60 -1.09
N LYS D 59 -18.39 -1.38 -1.02
CA LYS D 59 -17.69 -0.78 0.12
C LYS D 59 -16.37 -1.47 0.48
N GLU D 60 -15.83 -2.27 -0.46
CA GLU D 60 -14.54 -2.94 -0.29
C GLU D 60 -13.42 -1.92 -0.39
N LYS D 61 -12.54 -1.91 0.61
CA LYS D 61 -11.40 -1.01 0.70
C LYS D 61 -10.20 -1.67 0.02
N VAL D 62 -9.54 -0.93 -0.87
CA VAL D 62 -8.39 -1.43 -1.64
C VAL D 62 -7.24 -0.44 -1.72
N ILE D 63 -6.02 -0.98 -1.85
CA ILE D 63 -4.81 -0.23 -2.12
C ILE D 63 -4.50 -0.59 -3.57
N PHE D 64 -4.36 0.40 -4.44
CA PHE D 64 -4.18 0.09 -5.84
C PHE D 64 -3.23 1.05 -6.53
N SER D 65 -2.69 0.58 -7.66
CA SER D 65 -1.78 1.26 -8.55
C SER D 65 -2.19 0.99 -9.99
N GLY D 66 -1.99 1.96 -10.88
CA GLY D 66 -2.33 1.80 -12.29
C GLY D 66 -2.10 3.02 -13.16
N GLN D 67 -2.36 2.87 -14.46
CA GLN D 67 -2.21 3.92 -15.46
C GLN D 67 -3.55 4.51 -15.68
N ILE D 68 -3.66 5.84 -15.53
CA ILE D 68 -4.95 6.53 -15.66
C ILE D 68 -5.01 7.31 -16.96
N SER D 69 -6.23 7.37 -17.51
CA SER D 69 -6.57 8.08 -18.73
C SER D 69 -7.85 8.87 -18.50
N LYS D 70 -8.10 9.87 -19.34
CA LYS D 70 -9.36 10.60 -19.27
C LYS D 70 -10.51 9.58 -19.47
N SER D 71 -11.60 9.75 -18.70
CA SER D 71 -12.77 8.87 -18.78
C SER D 71 -13.58 9.22 -20.04
N THR D 72 -14.31 8.23 -20.57
CA THR D 72 -15.16 8.42 -21.75
C THR D 72 -16.66 8.37 -21.35
N LEU D 73 -16.93 7.93 -20.12
CA LEU D 73 -18.26 7.77 -19.54
C LEU D 73 -19.03 9.08 -19.39
N LYS D 74 -20.32 9.04 -19.73
CA LYS D 74 -21.27 10.13 -19.59
C LYS D 74 -21.94 9.92 -18.24
N ILE D 75 -21.40 10.59 -17.22
CA ILE D 75 -21.81 10.40 -15.84
C ILE D 75 -22.15 11.75 -15.15
N THR D 76 -23.17 11.73 -14.26
CA THR D 76 -23.66 12.88 -13.48
C THR D 76 -22.80 12.95 -12.25
N LEU D 77 -21.91 13.93 -12.18
CA LEU D 77 -21.02 14.01 -11.02
C LEU D 77 -21.33 15.23 -10.15
N PRO D 78 -21.26 15.11 -8.82
CA PRO D 78 -21.40 16.32 -7.99
C PRO D 78 -20.13 17.15 -8.14
N ALA D 79 -20.24 18.46 -7.94
CA ALA D 79 -19.06 19.32 -8.06
C ALA D 79 -17.95 18.83 -7.15
N GLY D 80 -16.70 18.93 -7.59
CA GLY D 80 -15.60 18.46 -6.76
C GLY D 80 -15.23 17.02 -7.11
N THR D 81 -16.11 16.28 -7.81
CA THR D 81 -15.83 14.88 -8.17
C THR D 81 -15.35 14.83 -9.62
N THR D 82 -14.21 14.16 -9.86
CA THR D 82 -13.69 13.96 -11.23
C THR D 82 -13.53 12.48 -11.43
N SER D 83 -13.57 12.02 -12.68
CA SER D 83 -13.42 10.60 -12.95
C SER D 83 -12.34 10.34 -13.99
N TYR D 84 -11.68 9.17 -13.87
CA TYR D 84 -10.67 8.69 -14.81
C TYR D 84 -10.90 7.27 -15.08
N CYS D 85 -10.37 6.83 -16.23
CA CYS D 85 -10.28 5.40 -16.57
C CYS D 85 -8.97 4.94 -15.96
N ILE D 86 -8.88 3.67 -15.52
CA ILE D 86 -7.64 3.14 -14.93
C ILE D 86 -7.37 1.71 -15.42
N ASN D 87 -6.13 1.46 -15.77
CA ASN D 87 -5.61 0.13 -16.10
C ASN D 87 -4.90 -0.28 -14.84
N LEU D 88 -5.51 -1.15 -14.04
CA LEU D 88 -4.91 -1.57 -12.78
C LEU D 88 -3.68 -2.42 -12.99
N MET D 89 -2.63 -2.11 -12.23
CA MET D 89 -1.37 -2.85 -12.26
C MET D 89 -1.29 -3.70 -11.01
N SER D 90 -1.88 -3.22 -9.90
CA SER D 90 -1.94 -3.97 -8.65
C SER D 90 -3.14 -3.50 -7.87
N ILE D 91 -3.76 -4.42 -7.11
CA ILE D 91 -4.94 -4.15 -6.28
C ILE D 91 -5.01 -5.19 -5.17
N ASN D 92 -5.14 -4.73 -3.93
CA ASN D 92 -5.23 -5.65 -2.80
C ASN D 92 -6.21 -5.14 -1.80
N LYS D 93 -6.99 -6.07 -1.23
CA LYS D 93 -7.97 -5.76 -0.19
C LYS D 93 -7.25 -5.30 1.08
N ILE D 94 -7.82 -4.31 1.80
CA ILE D 94 -7.32 -3.80 3.08
C ILE D 94 -8.50 -3.63 4.03
N ASN D 95 -8.26 -3.80 5.34
CA ASN D 95 -9.29 -3.71 6.38
C ASN D 95 -9.36 -2.29 6.95
CA CA E . 3.03 -19.27 0.71
CA CA F . 19.98 -4.05 -2.53
CA CA G . 11.53 -23.88 2.02
ZN ZN H . 16.96 -15.19 -3.46
ZN ZN I . 20.29 -16.70 9.17
CA CA J . -23.69 13.40 12.66
CA CA K . -32.94 20.14 -7.40
CA CA L . -17.18 11.87 5.59
ZN ZN M . -25.60 12.78 -2.37
ZN ZN N . -16.33 21.94 -3.23
#